data_4AN9
#
_entry.id   4AN9
#
_cell.length_a   108.653
_cell.length_b   108.653
_cell.length_c   49.394
_cell.angle_alpha   90.00
_cell.angle_beta   90.00
_cell.angle_gamma   120.00
#
_symmetry.space_group_name_H-M   'P 61'
#
loop_
_entity.id
_entity.type
_entity.pdbx_description
1 polymer 'DUAL SPECIFICITY MITOGEN-ACTIVATED PROTEIN KINASE KINASE 1'
2 non-polymer 'PHOSPHOMETHYLPHOSPHONIC ACID ADENYLATE ESTER'
3 non-polymer 'MAGNESIUM ION'
4 non-polymer [3,4-BIS(FLUORANYL)-2-[(2-FLUORANYL-4-IODANYL-PHENYL)AMINO]PHENYL]-(3-OXIDANYLAZETIDIN-1-YL)METHANONE
5 water water
#
_entity_poly.entity_id   1
_entity_poly.type   'polypeptide(L)'
_entity_poly.pdbx_seq_one_letter_code
;MALGELKDDDFEKISELGAGNGGVVFKVSHKPSGLVMARKLIHLEIKPAIRNQIIRELQVLHECNSPYIVGFYGAFYSDG
EISICMEHMDGGSLDQVLKKAGRIPEQILGKVSIAVIKGLTYLREKHKIMHRDVKPSNILVNSRGEIKLCDFGVSGQLID
EMANEFVGTRSYMSPERLQGTHYSVQSDIWSMGLSLVEMAVGRYPRPPMAIFELLDYIVNEPPPKLPSAVFSLEFQDFVN
KCLIKNPAERADLKQLMVHAFIKRSDAEEVDFAGWLCSTIGLNQPSTPTHAAGEGHHHHHH
;
_entity_poly.pdbx_strand_id   A
#
loop_
_chem_comp.id
_chem_comp.type
_chem_comp.name
_chem_comp.formula
2P7 non-polymer [3,4-BIS(FLUORANYL)-2-[(2-FLUORANYL-4-IODANYL-PHENYL)AMINO]PHENYL]-(3-OXIDANYLAZETIDIN-1-YL)METHANONE 'C16 H12 F3 I N2 O2'
ACP non-polymer 'PHOSPHOMETHYLPHOSPHONIC ACID ADENYLATE ESTER' 'C11 H18 N5 O12 P3'
MG non-polymer 'MAGNESIUM ION' 'Mg 2'
#
# COMPACT_ATOMS: atom_id res chain seq x y z
N MET A 1 -9.58 3.62 27.54
CA MET A 1 -9.47 3.11 26.13
C MET A 1 -9.07 1.62 26.07
N ALA A 2 -9.14 1.04 24.86
CA ALA A 2 -8.60 -0.29 24.61
C ALA A 2 -7.13 -0.35 25.04
N LEU A 3 -6.35 0.64 24.61
CA LEU A 3 -4.92 0.67 24.91
C LEU A 3 -4.50 1.75 25.88
N GLY A 4 -5.43 2.64 26.21
CA GLY A 4 -5.11 3.84 26.97
C GLY A 4 -4.22 4.78 26.17
N GLU A 5 -3.14 5.22 26.82
CA GLU A 5 -2.16 6.15 26.28
C GLU A 5 -0.79 5.50 26.07
N LEU A 6 -0.14 5.75 24.94
CA LEU A 6 1.09 5.03 24.60
C LEU A 6 2.29 5.95 24.70
N LYS A 7 3.37 5.44 25.27
CA LYS A 7 4.55 6.21 25.60
C LYS A 7 5.59 5.16 25.44
N ASP A 8 6.72 5.54 24.87
CA ASP A 8 7.62 4.53 24.27
C ASP A 8 8.57 3.91 25.24
N ASP A 9 8.26 4.10 26.51
CA ASP A 9 8.95 3.40 27.54
C ASP A 9 8.41 1.98 27.56
N ASP A 10 7.15 1.81 27.18
CA ASP A 10 6.48 0.54 27.26
C ASP A 10 6.92 -0.39 26.13
N PHE A 11 7.58 0.17 25.12
CA PHE A 11 7.92 -0.65 23.97
C PHE A 11 9.31 -1.15 24.06
N GLU A 12 9.56 -2.32 23.55
CA GLU A 12 10.87 -2.82 23.62
C GLU A 12 11.13 -3.38 22.21
N LYS A 13 11.95 -2.67 21.41
CA LYS A 13 12.30 -3.08 20.04
C LYS A 13 12.63 -4.58 19.98
N ILE A 14 12.20 -5.30 18.95
CA ILE A 14 12.47 -6.76 18.85
C ILE A 14 13.40 -7.09 17.70
N SER A 15 13.17 -6.43 16.57
CA SER A 15 13.99 -6.52 15.39
C SER A 15 13.65 -5.32 14.55
N GLU A 16 14.36 -5.18 13.43
CA GLU A 16 14.05 -4.13 12.46
C GLU A 16 13.26 -4.78 11.34
N LEU A 17 12.16 -4.17 10.91
CA LEU A 17 11.29 -4.81 9.91
C LEU A 17 11.58 -4.31 8.51
N GLY A 18 12.26 -3.16 8.44
CA GLY A 18 12.61 -2.50 7.20
C GLY A 18 12.57 -1.01 7.45
N ALA A 19 12.91 -0.24 6.40
CA ALA A 19 12.95 1.24 6.40
C ALA A 19 12.91 1.75 4.96
N GLY A 20 12.80 3.07 4.79
CA GLY A 20 12.60 3.72 3.48
C GLY A 20 12.65 5.24 3.57
N ASN A 21 12.47 5.89 2.44
CA ASN A 21 12.67 7.33 2.37
C ASN A 21 12.37 8.07 3.67
N GLY A 22 11.13 7.89 4.19
CA GLY A 22 10.62 8.64 5.37
C GLY A 22 10.69 8.00 6.78
N GLY A 23 11.73 7.20 7.05
CA GLY A 23 11.93 6.66 8.40
C GLY A 23 12.28 5.18 8.54
N VAL A 24 11.85 4.56 9.64
CA VAL A 24 12.21 3.16 9.92
C VAL A 24 11.09 2.38 10.65
N VAL A 25 11.05 1.05 10.45
CA VAL A 25 9.99 0.24 11.04
C VAL A 25 10.50 -0.93 11.83
N PHE A 26 10.15 -0.91 13.11
CA PHE A 26 10.51 -1.94 14.04
C PHE A 26 9.32 -2.79 14.46
N LYS A 27 9.59 -4.08 14.52
CA LYS A 27 8.79 -5.03 15.28
C LYS A 27 9.02 -4.70 16.75
N VAL A 28 7.94 -4.48 17.50
CA VAL A 28 8.09 -4.16 18.92
C VAL A 28 7.07 -4.82 19.81
N SER A 29 7.49 -4.97 21.07
CA SER A 29 6.71 -5.49 22.16
C SER A 29 6.09 -4.37 22.98
N HIS A 30 4.81 -4.49 23.25
CA HIS A 30 4.17 -3.53 24.11
C HIS A 30 4.07 -4.17 25.48
N LYS A 31 5.10 -3.92 26.29
CA LYS A 31 5.38 -4.69 27.48
C LYS A 31 4.13 -4.85 28.37
N PRO A 32 3.43 -3.74 28.70
CA PRO A 32 2.31 -3.83 29.64
C PRO A 32 1.07 -4.54 29.13
N SER A 33 0.89 -4.72 27.81
CA SER A 33 -0.31 -5.43 27.28
C SER A 33 -0.03 -6.78 26.62
N GLY A 34 1.24 -7.09 26.34
CA GLY A 34 1.70 -8.30 25.58
C GLY A 34 1.75 -8.19 24.04
N LEU A 35 0.91 -7.33 23.45
CA LEU A 35 0.78 -7.11 22.01
C LEU A 35 2.08 -6.92 21.23
N VAL A 36 2.28 -7.77 20.23
CA VAL A 36 3.34 -7.54 19.25
C VAL A 36 2.77 -6.63 18.19
N MET A 37 3.50 -5.58 17.83
CA MET A 37 3.02 -4.60 16.86
C MET A 37 4.18 -4.23 15.98
N ALA A 38 3.88 -3.53 14.89
CA ALA A 38 4.92 -2.92 14.08
C ALA A 38 4.88 -1.43 14.37
N ARG A 39 6.06 -0.87 14.70
CA ARG A 39 6.13 0.56 15.03
C ARG A 39 6.83 1.41 13.96
N LYS A 40 6.16 2.50 13.59
CA LYS A 40 6.58 3.27 12.44
C LYS A 40 6.86 4.68 12.89
N LEU A 41 8.14 5.04 12.93
CA LEU A 41 8.51 6.40 13.37
C LEU A 41 8.78 7.32 12.19
N ILE A 42 7.89 8.31 12.04
CA ILE A 42 8.00 9.35 11.02
C ILE A 42 8.61 10.64 11.59
N HIS A 43 9.90 10.93 11.33
CA HIS A 43 10.41 12.25 11.77
C HIS A 43 9.83 13.47 11.01
N LEU A 44 9.25 14.39 11.76
CA LEU A 44 8.69 15.62 11.21
C LEU A 44 8.92 16.76 12.17
N GLU A 45 9.56 17.82 11.69
CA GLU A 45 9.64 19.01 12.52
C GLU A 45 8.39 19.84 12.27
N ILE A 46 7.56 20.04 13.30
CA ILE A 46 6.33 20.84 13.13
C ILE A 46 5.82 21.52 14.39
N LYS A 47 5.10 22.62 14.19
CA LYS A 47 4.50 23.42 15.28
C LYS A 47 3.49 22.56 16.06
N PRO A 48 3.84 22.15 17.29
CA PRO A 48 2.95 21.39 18.19
C PRO A 48 1.47 21.49 17.89
N ALA A 49 0.95 22.70 17.78
CA ALA A 49 -0.44 22.87 17.44
C ALA A 49 -0.73 21.76 16.47
N ILE A 50 0.15 21.66 15.48
CA ILE A 50 -0.13 20.95 14.26
C ILE A 50 0.34 19.49 14.31
N ARG A 51 0.88 19.05 15.44
CA ARG A 51 1.32 17.67 15.57
C ARG A 51 0.32 16.96 16.42
N ASN A 52 -0.44 17.72 17.15
CA ASN A 52 -1.44 17.12 17.96
C ASN A 52 -2.64 17.02 17.12
N GLN A 53 -2.77 17.96 16.20
CA GLN A 53 -3.82 17.86 15.22
C GLN A 53 -3.63 16.63 14.34
N ILE A 54 -2.39 16.12 14.30
CA ILE A 54 -2.13 14.96 13.48
C ILE A 54 -2.35 13.67 14.29
N ILE A 55 -1.68 13.59 15.44
CA ILE A 55 -1.86 12.48 16.36
C ILE A 55 -3.34 12.23 16.72
N ARG A 56 -4.18 13.23 16.51
CA ARG A 56 -5.60 13.04 16.75
C ARG A 56 -6.33 12.68 15.46
N GLU A 57 -5.96 13.32 14.34
CA GLU A 57 -6.59 12.98 13.04
C GLU A 57 -6.42 11.50 12.73
N LEU A 58 -5.35 10.93 13.25
CA LEU A 58 -5.07 9.53 13.16
C LEU A 58 -6.00 8.66 13.96
N GLN A 59 -6.49 9.11 15.11
CA GLN A 59 -7.44 8.25 15.87
C GLN A 59 -8.56 7.68 14.93
N VAL A 60 -8.89 8.39 13.85
CA VAL A 60 -9.86 7.78 12.93
C VAL A 60 -9.46 6.32 12.57
N LEU A 61 -8.18 5.99 12.66
CA LEU A 61 -7.72 4.68 12.24
C LEU A 61 -8.35 3.58 13.06
N HIS A 62 -8.74 3.93 14.29
CA HIS A 62 -9.36 2.94 15.17
C HIS A 62 -10.69 2.48 14.63
N GLU A 63 -11.38 3.26 13.81
CA GLU A 63 -12.61 2.75 13.27
C GLU A 63 -12.41 2.15 11.88
N CYS A 64 -11.18 1.82 11.55
CA CYS A 64 -10.92 1.06 10.34
C CYS A 64 -10.85 -0.37 10.74
N ASN A 65 -11.91 -1.08 10.44
CA ASN A 65 -11.89 -2.50 10.66
C ASN A 65 -12.29 -3.41 9.44
N SER A 66 -11.28 -4.06 8.83
CA SER A 66 -11.50 -4.87 7.63
C SER A 66 -10.43 -5.90 7.57
N PRO A 67 -10.78 -7.09 7.10
CA PRO A 67 -9.73 -8.07 7.01
C PRO A 67 -8.69 -7.68 5.95
N TYR A 68 -8.89 -6.55 5.26
CA TYR A 68 -7.97 -6.13 4.20
C TYR A 68 -7.18 -4.84 4.44
N ILE A 69 -7.34 -4.27 5.62
CA ILE A 69 -6.63 -3.08 6.00
C ILE A 69 -5.81 -3.50 7.17
N VAL A 70 -4.51 -3.17 7.21
CA VAL A 70 -3.70 -3.44 8.40
C VAL A 70 -4.47 -2.84 9.62
N GLY A 71 -4.35 -3.44 10.80
CA GLY A 71 -5.10 -2.96 11.96
C GLY A 71 -4.28 -1.96 12.76
N PHE A 72 -4.95 -0.91 13.29
CA PHE A 72 -4.33 0.24 14.04
C PHE A 72 -4.26 -0.06 15.54
N TYR A 73 -3.32 0.52 16.30
CA TYR A 73 -3.32 0.40 17.80
C TYR A 73 -3.26 1.75 18.48
N GLY A 74 -2.67 2.71 17.77
CA GLY A 74 -2.63 4.05 18.27
C GLY A 74 -1.45 4.74 17.73
N ALA A 75 -1.43 6.03 17.99
CA ALA A 75 -0.36 6.90 17.58
C ALA A 75 0.03 7.84 18.71
N PHE A 76 1.31 7.92 19.04
CA PHE A 76 1.81 8.94 19.96
C PHE A 76 3.01 9.69 19.42
N TYR A 77 3.18 10.95 19.83
CA TYR A 77 4.37 11.73 19.44
C TYR A 77 5.46 11.58 20.49
N SER A 78 6.69 11.31 20.08
CA SER A 78 7.74 11.31 21.08
C SER A 78 9.00 11.90 20.52
N ASP A 79 9.59 12.83 21.29
CA ASP A 79 10.89 13.43 21.00
C ASP A 79 11.19 13.43 19.48
N GLY A 80 10.38 14.20 18.72
CA GLY A 80 10.60 14.48 17.29
C GLY A 80 9.77 13.69 16.27
N GLU A 81 9.49 12.43 16.60
CA GLU A 81 8.93 11.47 15.63
C GLU A 81 7.63 10.88 16.08
N ILE A 82 6.58 11.39 15.44
CA ILE A 82 5.26 10.79 15.42
C ILE A 82 5.37 9.25 15.23
N SER A 83 4.70 8.50 16.08
CA SER A 83 4.76 7.04 16.05
C SER A 83 3.39 6.55 15.67
N ILE A 84 3.33 5.58 14.75
CA ILE A 84 2.05 4.93 14.38
C ILE A 84 2.26 3.46 14.71
N CYS A 85 1.52 2.99 15.72
CA CYS A 85 1.58 1.58 16.10
C CYS A 85 0.47 0.88 15.41
N MET A 86 0.85 -0.18 14.69
CA MET A 86 -0.05 -0.94 13.81
C MET A 86 0.20 -2.43 13.96
N GLU A 87 -0.71 -3.20 13.39
CA GLU A 87 -0.66 -4.67 13.37
C GLU A 87 0.63 -5.16 12.74
N HIS A 88 1.25 -6.20 13.30
CA HIS A 88 2.49 -6.74 12.68
C HIS A 88 2.25 -7.83 11.62
N MET A 89 2.60 -7.58 10.37
CA MET A 89 2.48 -8.58 9.36
C MET A 89 3.75 -9.36 9.17
N ASP A 90 3.86 -10.51 9.83
CA ASP A 90 5.05 -11.41 9.76
C ASP A 90 5.64 -11.72 8.34
N GLY A 91 5.00 -11.21 7.27
CA GLY A 91 5.58 -11.39 5.92
C GLY A 91 6.03 -10.13 5.18
N GLY A 92 6.35 -9.06 5.89
CA GLY A 92 6.82 -7.83 5.27
C GLY A 92 5.86 -7.46 4.17
N SER A 93 6.29 -6.67 3.18
CA SER A 93 5.38 -6.23 2.12
C SER A 93 5.81 -6.85 0.83
N LEU A 94 4.97 -6.72 -0.19
CA LEU A 94 5.15 -7.44 -1.41
C LEU A 94 6.41 -7.02 -2.14
N ASP A 95 6.92 -5.85 -1.76
CA ASP A 95 8.19 -5.38 -2.24
C ASP A 95 9.34 -6.25 -1.73
N GLN A 96 9.37 -6.53 -0.43
CA GLN A 96 10.32 -7.49 0.04
C GLN A 96 10.08 -8.85 -0.59
N VAL A 97 8.80 -9.19 -0.83
CA VAL A 97 8.43 -10.49 -1.39
C VAL A 97 8.94 -10.64 -2.81
N LEU A 98 8.76 -9.59 -3.58
CA LEU A 98 9.30 -9.51 -4.94
C LEU A 98 10.83 -9.71 -5.01
N LYS A 99 11.59 -8.95 -4.24
CA LYS A 99 13.01 -9.22 -4.06
C LYS A 99 13.31 -10.73 -3.92
N LYS A 100 12.72 -11.44 -2.95
CA LYS A 100 13.03 -12.83 -2.82
C LYS A 100 12.56 -13.64 -4.01
N ALA A 101 11.35 -13.36 -4.49
CA ALA A 101 10.68 -14.21 -5.51
C ALA A 101 11.24 -14.06 -6.85
N GLY A 102 11.51 -12.83 -7.26
CA GLY A 102 11.85 -12.55 -8.63
C GLY A 102 10.62 -11.99 -9.31
N ARG A 103 9.59 -12.83 -9.44
CA ARG A 103 8.32 -12.41 -10.04
C ARG A 103 7.25 -12.94 -9.13
N ILE A 104 6.06 -12.39 -9.19
CA ILE A 104 4.98 -12.98 -8.46
C ILE A 104 3.97 -13.51 -9.47
N PRO A 105 3.66 -14.81 -9.40
CA PRO A 105 2.87 -15.36 -10.51
C PRO A 105 1.45 -14.85 -10.53
N GLU A 106 0.90 -14.75 -11.73
CA GLU A 106 -0.40 -14.22 -11.98
C GLU A 106 -1.46 -14.66 -10.99
N GLN A 107 -1.43 -15.94 -10.61
CA GLN A 107 -2.52 -16.43 -9.77
C GLN A 107 -2.40 -15.83 -8.43
N ILE A 108 -1.18 -15.79 -7.88
CA ILE A 108 -1.05 -15.05 -6.64
C ILE A 108 -1.46 -13.56 -6.81
N LEU A 109 -1.36 -13.00 -8.01
CA LEU A 109 -1.62 -11.57 -8.11
C LEU A 109 -3.13 -11.23 -8.16
N GLY A 110 -3.95 -12.21 -8.57
CA GLY A 110 -5.43 -12.10 -8.62
C GLY A 110 -6.02 -12.13 -7.22
N LYS A 111 -5.31 -12.79 -6.33
CA LYS A 111 -5.70 -12.76 -4.93
C LYS A 111 -5.38 -11.38 -4.32
N VAL A 112 -4.28 -10.78 -4.77
CA VAL A 112 -3.80 -9.51 -4.26
C VAL A 112 -4.75 -8.50 -4.84
N SER A 113 -4.99 -8.62 -6.14
CA SER A 113 -6.06 -7.82 -6.77
C SER A 113 -7.30 -7.78 -5.90
N ILE A 114 -7.87 -8.95 -5.58
CA ILE A 114 -9.07 -9.01 -4.73
C ILE A 114 -8.86 -8.20 -3.44
N ALA A 115 -7.86 -8.57 -2.65
CA ALA A 115 -7.48 -7.83 -1.47
C ALA A 115 -7.42 -6.27 -1.68
N VAL A 116 -6.96 -5.79 -2.83
CA VAL A 116 -6.80 -4.36 -3.02
C VAL A 116 -8.12 -3.71 -3.44
N ILE A 117 -8.80 -4.32 -4.39
CA ILE A 117 -10.07 -3.82 -4.81
C ILE A 117 -10.91 -3.66 -3.56
N LYS A 118 -10.83 -4.67 -2.70
CA LYS A 118 -11.80 -4.73 -1.64
C LYS A 118 -11.39 -3.75 -0.54
N GLY A 119 -10.09 -3.61 -0.37
CA GLY A 119 -9.55 -2.84 0.72
C GLY A 119 -9.66 -1.39 0.37
N LEU A 120 -9.40 -1.04 -0.89
CA LEU A 120 -9.81 0.30 -1.36
C LEU A 120 -11.31 0.55 -1.30
N THR A 121 -12.10 -0.51 -1.36
CA THR A 121 -13.53 -0.29 -1.41
C THR A 121 -14.07 0.03 -0.02
N TYR A 122 -13.48 -0.65 0.96
CA TYR A 122 -13.79 -0.43 2.36
C TYR A 122 -13.54 1.07 2.72
N LEU A 123 -12.27 1.47 2.70
CA LEU A 123 -11.87 2.83 2.80
C LEU A 123 -12.71 3.81 2.00
N ARG A 124 -13.03 3.51 0.75
CA ARG A 124 -13.80 4.51 0.01
C ARG A 124 -15.17 4.64 0.68
N GLU A 125 -15.88 3.51 0.73
CA GLU A 125 -17.24 3.53 1.20
C GLU A 125 -17.41 3.72 2.70
N LYS A 126 -16.59 3.10 3.53
CA LYS A 126 -16.87 3.24 4.94
C LYS A 126 -16.26 4.45 5.51
N HIS A 127 -15.32 5.06 4.83
CA HIS A 127 -14.58 6.15 5.45
C HIS A 127 -14.23 7.28 4.55
N LYS A 128 -14.46 7.13 3.24
CA LYS A 128 -14.06 8.15 2.24
C LYS A 128 -12.54 8.53 2.26
N ILE A 129 -11.71 7.53 2.53
CA ILE A 129 -10.28 7.63 2.40
C ILE A 129 -9.89 7.09 1.05
N MET A 130 -9.17 7.89 0.27
CA MET A 130 -8.47 7.47 -0.91
C MET A 130 -7.08 6.94 -0.47
N HIS A 131 -6.52 5.94 -1.16
CA HIS A 131 -5.33 5.40 -0.56
C HIS A 131 -4.19 6.42 -0.60
N ARG A 132 -3.93 6.96 -1.79
CA ARG A 132 -2.90 8.00 -1.97
C ARG A 132 -1.45 7.56 -2.33
N ASP A 133 -1.02 6.34 -2.01
CA ASP A 133 0.30 5.81 -2.38
C ASP A 133 0.19 4.29 -2.42
N VAL A 134 -0.61 3.77 -3.36
CA VAL A 134 -0.70 2.33 -3.54
C VAL A 134 0.52 1.90 -4.30
N LYS A 135 1.42 1.19 -3.63
CA LYS A 135 2.52 0.62 -4.30
C LYS A 135 2.89 -0.75 -3.68
N PRO A 136 3.63 -1.59 -4.39
CA PRO A 136 3.98 -2.85 -3.60
C PRO A 136 4.42 -2.75 -2.08
N SER A 137 5.11 -1.69 -1.66
CA SER A 137 5.69 -1.72 -0.30
C SER A 137 4.59 -1.38 0.70
N ASN A 138 3.47 -0.91 0.14
CA ASN A 138 2.33 -0.51 0.94
C ASN A 138 1.24 -1.55 0.94
N ILE A 139 1.57 -2.76 0.50
CA ILE A 139 0.66 -3.90 0.57
C ILE A 139 1.36 -4.98 1.28
N LEU A 140 0.81 -5.42 2.42
CA LEU A 140 1.49 -6.37 3.31
C LEU A 140 0.87 -7.76 3.43
N VAL A 141 1.65 -8.74 3.84
CA VAL A 141 1.20 -10.11 3.87
C VAL A 141 1.70 -10.89 5.11
N ASN A 142 0.87 -11.80 5.61
CA ASN A 142 1.28 -12.56 6.81
C ASN A 142 1.18 -14.03 6.53
N SER A 143 1.91 -14.79 7.35
CA SER A 143 1.98 -16.21 7.15
C SER A 143 0.57 -16.87 7.09
N ARG A 144 -0.44 -16.26 7.69
CA ARG A 144 -1.80 -16.72 7.45
C ARG A 144 -2.42 -16.38 6.06
N GLY A 145 -1.58 -16.06 5.08
CA GLY A 145 -2.05 -15.79 3.69
C GLY A 145 -2.99 -14.60 3.56
N GLU A 146 -2.95 -13.75 4.59
CA GLU A 146 -3.69 -12.51 4.58
C GLU A 146 -2.88 -11.48 3.84
N ILE A 147 -3.59 -10.50 3.29
CA ILE A 147 -3.06 -9.52 2.41
C ILE A 147 -3.77 -8.25 2.76
N LYS A 148 -3.13 -7.38 3.52
CA LYS A 148 -3.78 -6.16 3.96
C LYS A 148 -3.11 -4.92 3.34
N LEU A 149 -3.86 -3.83 3.12
CA LEU A 149 -3.27 -2.50 2.81
C LEU A 149 -2.78 -1.64 4.04
N CYS A 150 -1.72 -0.85 3.85
CA CYS A 150 -1.44 0.24 4.81
C CYS A 150 -0.79 1.47 4.17
N ASP A 151 -0.60 2.53 4.96
CA ASP A 151 0.03 3.79 4.56
C ASP A 151 -0.89 4.54 3.66
N PHE A 152 -2.19 4.41 3.91
CA PHE A 152 -3.19 5.23 3.22
C PHE A 152 -3.33 6.54 3.97
N GLY A 153 -3.92 7.54 3.33
CA GLY A 153 -3.89 8.91 3.82
C GLY A 153 -5.13 9.27 4.61
N VAL A 154 -5.12 8.86 5.89
CA VAL A 154 -6.25 9.07 6.79
C VAL A 154 -6.34 10.50 7.16
N SER A 155 -5.16 11.05 7.54
CA SER A 155 -4.97 12.37 8.14
C SER A 155 -4.58 13.45 7.12
N GLY A 156 -5.56 14.34 6.84
CA GLY A 156 -5.40 15.47 5.90
C GLY A 156 -4.11 16.24 6.10
N GLN A 157 -3.67 16.36 7.35
CA GLN A 157 -2.54 17.21 7.76
C GLN A 157 -1.29 16.44 7.60
N LEU A 158 -1.32 15.16 7.97
CA LEU A 158 -0.17 14.30 7.77
C LEU A 158 0.14 14.26 6.27
N ILE A 159 -0.91 14.17 5.45
CA ILE A 159 -0.76 14.28 4.00
C ILE A 159 -0.05 15.58 3.64
N ASP A 160 -0.62 16.72 4.12
CA ASP A 160 -0.07 18.07 3.87
C ASP A 160 1.37 18.16 4.37
N GLU A 161 1.62 17.76 5.60
CA GLU A 161 2.97 17.85 6.11
C GLU A 161 3.92 16.84 5.46
N MET A 162 3.50 16.16 4.42
CA MET A 162 4.39 15.14 3.93
C MET A 162 4.70 15.54 2.50
N ALA A 163 3.76 16.19 1.83
CA ALA A 163 4.01 16.74 0.52
C ALA A 163 5.18 17.76 0.55
N ASN A 164 5.90 17.90 1.67
CA ASN A 164 7.18 18.60 1.68
C ASN A 164 8.21 17.88 2.52
N GLU A 165 8.82 16.84 1.92
CA GLU A 165 9.95 16.08 2.53
C GLU A 165 10.17 14.77 1.76
N VAL A 167 8.77 14.38 -1.15
CA VAL A 167 8.46 14.02 -2.56
C VAL A 167 8.13 12.55 -2.62
N GLY A 168 7.16 12.19 -3.43
CA GLY A 168 6.71 10.81 -3.33
C GLY A 168 7.37 9.79 -4.23
N THR A 169 6.70 8.65 -4.26
CA THR A 169 6.71 7.81 -5.41
C THR A 169 6.08 8.62 -6.49
N ARG A 170 6.78 9.69 -6.85
CA ARG A 170 6.46 10.42 -8.05
C ARG A 170 6.18 9.39 -9.15
N SER A 171 7.00 8.33 -9.23
CA SER A 171 6.84 7.28 -10.29
C SER A 171 5.55 6.50 -10.34
N TYR A 172 4.82 6.42 -9.23
CA TYR A 172 3.57 5.67 -9.29
C TYR A 172 2.39 6.53 -9.59
N MET A 173 2.59 7.83 -9.62
CA MET A 173 1.49 8.74 -9.97
C MET A 173 0.88 8.62 -11.39
N SER A 174 -0.44 8.71 -11.46
CA SER A 174 -1.10 8.64 -12.72
C SER A 174 -0.72 9.84 -13.55
N PRO A 175 -0.88 9.77 -14.88
CA PRO A 175 -0.62 10.89 -15.74
C PRO A 175 -1.34 12.17 -15.35
N GLU A 176 -2.59 12.06 -14.89
CA GLU A 176 -3.36 13.28 -14.56
C GLU A 176 -2.76 13.93 -13.33
N ARG A 177 -2.73 13.16 -12.24
CA ARG A 177 -2.00 13.55 -11.07
C ARG A 177 -0.64 14.14 -11.48
N LEU A 178 0.14 13.49 -12.34
CA LEU A 178 1.37 14.14 -12.87
C LEU A 178 1.15 15.54 -13.51
N GLN A 179 0.20 15.67 -14.44
CA GLN A 179 -0.11 16.99 -15.03
C GLN A 179 -0.74 18.03 -14.06
N GLY A 180 -0.59 17.82 -12.73
CA GLY A 180 -1.25 18.66 -11.70
C GLY A 180 -2.64 18.32 -11.10
N THR A 181 -3.48 17.54 -11.76
CA THR A 181 -4.81 17.15 -11.18
C THR A 181 -4.82 16.79 -9.68
N HIS A 182 -5.90 17.18 -9.01
CA HIS A 182 -6.18 16.78 -7.63
C HIS A 182 -6.44 15.28 -7.54
N TYR A 183 -5.75 14.60 -6.61
CA TYR A 183 -5.92 13.14 -6.44
C TYR A 183 -7.39 12.78 -6.45
N SER A 184 -7.69 11.73 -7.20
CA SER A 184 -9.04 11.23 -7.32
C SER A 184 -8.81 9.76 -7.10
N VAL A 185 -9.88 8.96 -6.96
CA VAL A 185 -9.71 7.51 -6.77
C VAL A 185 -9.17 6.90 -8.02
N GLN A 186 -9.58 7.46 -9.17
CA GLN A 186 -9.13 6.91 -10.43
C GLN A 186 -7.59 6.79 -10.42
N SER A 187 -6.91 7.62 -9.62
CA SER A 187 -5.45 7.51 -9.41
C SER A 187 -5.04 6.31 -8.61
N ASP A 188 -5.85 5.89 -7.64
CA ASP A 188 -5.46 4.76 -6.80
C ASP A 188 -5.40 3.58 -7.76
N ILE A 189 -6.40 3.51 -8.66
CA ILE A 189 -6.54 2.41 -9.55
C ILE A 189 -5.27 2.25 -10.38
N TRP A 190 -4.99 3.28 -11.18
CA TRP A 190 -3.69 3.40 -11.91
C TRP A 190 -2.54 2.77 -11.13
N SER A 191 -2.36 3.16 -9.87
CA SER A 191 -1.18 2.78 -9.11
C SER A 191 -1.23 1.34 -8.71
N MET A 192 -2.44 0.84 -8.55
CA MET A 192 -2.66 -0.59 -8.37
C MET A 192 -2.17 -1.32 -9.62
N GLY A 193 -2.79 -1.02 -10.77
CA GLY A 193 -2.38 -1.64 -12.03
C GLY A 193 -0.85 -1.62 -12.19
N LEU A 194 -0.30 -0.42 -12.14
CA LEU A 194 1.12 -0.29 -12.21
C LEU A 194 1.83 -1.28 -11.28
N SER A 195 1.33 -1.43 -10.06
CA SER A 195 1.98 -2.34 -9.10
C SER A 195 1.92 -3.82 -9.59
N LEU A 196 0.79 -4.21 -10.20
CA LEU A 196 0.58 -5.60 -10.55
C LEU A 196 1.52 -5.96 -11.69
N VAL A 197 1.59 -5.03 -12.63
CA VAL A 197 2.51 -5.17 -13.74
C VAL A 197 3.87 -5.27 -13.20
N GLU A 198 4.23 -4.39 -12.28
CA GLU A 198 5.57 -4.50 -11.74
C GLU A 198 5.86 -5.89 -11.22
N MET A 199 5.07 -6.33 -10.25
CA MET A 199 5.26 -7.61 -9.56
C MET A 199 5.16 -8.83 -10.50
N ALA A 200 4.35 -8.70 -11.54
CA ALA A 200 4.28 -9.70 -12.60
C ALA A 200 5.63 -9.74 -13.31
N VAL A 201 6.18 -8.56 -13.67
CA VAL A 201 7.38 -8.59 -14.48
C VAL A 201 8.59 -8.58 -13.58
N GLY A 202 8.41 -8.18 -12.34
CA GLY A 202 9.53 -8.26 -11.41
C GLY A 202 10.52 -7.13 -11.58
N ARG A 203 10.06 -6.05 -12.21
CA ARG A 203 10.81 -4.79 -12.20
C ARG A 203 9.89 -3.64 -12.60
N TYR A 204 10.24 -2.43 -12.15
CA TYR A 204 9.51 -1.24 -12.55
C TYR A 204 9.30 -1.31 -14.09
N PRO A 205 8.05 -1.43 -14.53
CA PRO A 205 7.72 -1.81 -15.90
C PRO A 205 7.98 -0.72 -16.96
N ARG A 206 9.11 0.29 -16.87
CA ARG A 206 9.18 1.35 -17.87
C ARG A 206 10.63 1.44 -18.29
N PRO A 207 10.87 1.92 -19.51
CA PRO A 207 12.25 1.86 -19.99
C PRO A 207 13.09 2.87 -19.17
N PRO A 208 14.30 2.49 -18.73
CA PRO A 208 15.06 3.23 -17.74
C PRO A 208 15.45 4.60 -18.20
N MET A 209 15.07 5.66 -17.51
CA MET A 209 15.48 7.01 -17.93
C MET A 209 15.79 7.85 -16.71
N ALA A 210 16.21 9.09 -16.93
CA ALA A 210 16.39 10.05 -15.83
C ALA A 210 15.03 10.39 -15.24
N ILE A 211 14.98 10.51 -13.92
CA ILE A 211 13.73 10.87 -13.25
C ILE A 211 12.84 11.90 -13.98
N PHE A 212 13.41 13.01 -14.45
CA PHE A 212 12.53 14.00 -15.07
C PHE A 212 11.94 13.60 -16.38
N GLU A 213 12.70 12.81 -17.11
CA GLU A 213 12.28 12.29 -18.39
C GLU A 213 11.06 11.38 -18.19
N LEU A 214 11.16 10.54 -17.14
CA LEU A 214 10.11 9.59 -16.73
C LEU A 214 8.77 10.26 -16.55
N LEU A 215 8.79 11.31 -15.72
CA LEU A 215 7.58 12.02 -15.38
C LEU A 215 6.88 12.49 -16.65
N ASP A 216 7.60 13.17 -17.55
CA ASP A 216 7.01 13.48 -18.86
C ASP A 216 6.76 12.22 -19.73
N TYR A 217 7.65 11.23 -19.64
CA TYR A 217 7.42 9.97 -20.35
C TYR A 217 6.00 9.41 -20.02
N ILE A 218 5.63 9.43 -18.74
CA ILE A 218 4.34 8.89 -18.26
C ILE A 218 3.17 9.74 -18.75
N VAL A 219 3.41 11.04 -18.79
CA VAL A 219 2.39 11.93 -19.25
C VAL A 219 2.24 11.74 -20.77
N ASN A 220 3.38 11.52 -21.48
CA ASN A 220 3.37 11.63 -22.95
C ASN A 220 3.17 10.35 -23.73
N GLU A 221 3.87 9.30 -23.32
CA GLU A 221 3.87 8.00 -24.01
C GLU A 221 2.74 7.09 -23.45
N PRO A 222 2.41 5.97 -24.14
CA PRO A 222 1.23 5.20 -23.73
C PRO A 222 1.64 4.25 -22.60
N PRO A 223 0.67 3.53 -21.97
CA PRO A 223 0.90 2.98 -20.63
C PRO A 223 1.61 1.67 -20.70
N PRO A 224 2.14 1.18 -19.55
CA PRO A 224 2.64 -0.20 -19.66
C PRO A 224 1.50 -1.21 -19.91
N LYS A 225 1.93 -2.40 -20.35
CA LYS A 225 1.07 -3.46 -20.88
C LYS A 225 1.83 -4.65 -20.40
N LEU A 226 1.19 -5.80 -20.31
CA LEU A 226 1.95 -6.99 -19.93
C LEU A 226 2.53 -7.66 -21.17
N PRO A 227 3.72 -8.31 -21.02
CA PRO A 227 4.21 -9.30 -22.01
C PRO A 227 3.03 -10.17 -22.36
N SER A 228 2.72 -10.42 -23.61
CA SER A 228 1.39 -10.99 -23.84
C SER A 228 1.42 -12.47 -24.10
N ALA A 229 2.59 -13.06 -24.18
CA ALA A 229 2.68 -14.50 -24.42
C ALA A 229 2.38 -15.29 -23.15
N VAL A 230 2.78 -14.71 -22.03
CA VAL A 230 2.90 -15.46 -20.81
C VAL A 230 1.99 -15.00 -19.65
N PHE A 231 0.84 -14.38 -19.93
CA PHE A 231 -0.13 -14.03 -18.88
C PHE A 231 -1.49 -14.14 -19.51
N SER A 232 -2.45 -14.70 -18.76
CA SER A 232 -3.84 -14.83 -19.25
C SER A 232 -4.37 -13.56 -19.93
N LEU A 233 -5.16 -13.71 -20.97
CA LEU A 233 -5.71 -12.55 -21.68
C LEU A 233 -6.54 -11.73 -20.74
N GLU A 234 -7.00 -12.38 -19.68
CA GLU A 234 -7.86 -11.71 -18.71
C GLU A 234 -7.01 -10.77 -17.85
N PHE A 235 -5.95 -11.29 -17.26
CA PHE A 235 -5.02 -10.46 -16.53
C PHE A 235 -4.63 -9.24 -17.35
N GLN A 236 -4.15 -9.47 -18.55
CA GLN A 236 -3.84 -8.39 -19.47
C GLN A 236 -4.94 -7.39 -19.60
N ASP A 237 -6.18 -7.83 -19.59
CA ASP A 237 -7.24 -6.86 -19.64
C ASP A 237 -7.35 -6.05 -18.37
N PHE A 238 -7.19 -6.73 -17.23
CA PHE A 238 -7.39 -6.11 -15.94
C PHE A 238 -6.48 -4.93 -15.86
N VAL A 239 -5.23 -5.29 -15.83
CA VAL A 239 -4.17 -4.37 -15.78
C VAL A 239 -4.49 -3.29 -16.79
N ASN A 240 -4.77 -3.67 -18.03
CA ASN A 240 -5.05 -2.67 -19.07
C ASN A 240 -6.07 -1.63 -18.73
N LYS A 241 -7.25 -2.12 -18.31
CA LYS A 241 -8.34 -1.33 -17.74
C LYS A 241 -8.01 -0.41 -16.55
N CYS A 242 -6.98 -0.77 -15.79
CA CYS A 242 -6.50 0.01 -14.66
C CYS A 242 -5.63 1.10 -15.15
N LEU A 243 -5.16 0.90 -16.36
CA LEU A 243 -4.08 1.70 -16.88
C LEU A 243 -4.42 2.63 -18.03
N ILE A 244 -5.67 2.69 -18.48
CA ILE A 244 -6.12 3.72 -19.39
C ILE A 244 -5.75 5.12 -18.84
N LYS A 245 -4.95 5.89 -19.60
CA LYS A 245 -4.45 7.24 -19.20
C LYS A 245 -5.54 8.28 -18.91
N ASN A 246 -6.56 8.34 -19.73
CA ASN A 246 -7.59 9.31 -19.48
C ASN A 246 -8.42 8.86 -18.25
N PRO A 247 -8.42 9.66 -17.15
CA PRO A 247 -9.02 9.14 -15.93
C PRO A 247 -10.53 9.01 -16.01
N ALA A 248 -11.14 9.54 -17.06
CA ALA A 248 -12.57 9.41 -17.17
C ALA A 248 -12.94 8.11 -17.85
N GLU A 249 -12.02 7.54 -18.62
CA GLU A 249 -12.27 6.23 -19.20
C GLU A 249 -11.68 5.05 -18.37
N ARG A 250 -10.93 5.30 -17.28
CA ARG A 250 -10.35 4.22 -16.45
C ARG A 250 -11.42 3.31 -15.82
N ALA A 251 -11.17 2.03 -15.62
CA ALA A 251 -12.21 1.25 -14.96
C ALA A 251 -12.22 1.64 -13.49
N ASP A 252 -13.39 1.60 -12.85
CA ASP A 252 -13.46 1.90 -11.41
C ASP A 252 -13.67 0.65 -10.57
N LEU A 253 -13.71 0.83 -9.26
CA LEU A 253 -13.80 -0.29 -8.33
C LEU A 253 -15.00 -1.23 -8.48
N LYS A 254 -16.20 -0.69 -8.76
CA LYS A 254 -17.38 -1.51 -9.09
C LYS A 254 -17.09 -2.36 -10.33
N GLN A 255 -16.76 -1.67 -11.43
CA GLN A 255 -16.46 -2.32 -12.72
C GLN A 255 -15.34 -3.33 -12.63
N LEU A 256 -14.35 -3.05 -11.78
CA LEU A 256 -13.26 -4.00 -11.59
C LEU A 256 -13.72 -5.18 -10.74
N MET A 257 -14.41 -4.94 -9.64
CA MET A 257 -14.78 -6.02 -8.69
C MET A 257 -15.35 -7.29 -9.37
N VAL A 258 -15.94 -7.13 -10.55
CA VAL A 258 -16.59 -8.23 -11.26
C VAL A 258 -15.97 -8.53 -12.65
N HIS A 259 -14.67 -8.23 -12.79
CA HIS A 259 -13.97 -8.55 -14.01
C HIS A 259 -13.64 -10.04 -14.10
N ALA A 260 -13.77 -10.56 -15.32
CA ALA A 260 -13.24 -11.88 -15.67
C ALA A 260 -12.12 -12.27 -14.70
N PHE A 261 -11.05 -11.47 -14.63
CA PHE A 261 -9.86 -11.91 -13.91
C PHE A 261 -10.12 -11.99 -12.40
N ILE A 262 -10.99 -11.14 -11.88
CA ILE A 262 -11.35 -11.26 -10.47
C ILE A 262 -12.17 -12.54 -10.21
N LYS A 263 -13.33 -12.66 -10.89
CA LYS A 263 -14.19 -13.82 -10.75
C LYS A 263 -13.33 -15.09 -10.90
N ARG A 264 -12.51 -15.16 -11.95
CA ARG A 264 -11.70 -16.39 -12.13
C ARG A 264 -10.85 -16.61 -10.88
N SER A 265 -10.28 -15.52 -10.36
CA SER A 265 -9.39 -15.63 -9.22
C SER A 265 -10.09 -16.00 -7.95
N ASP A 266 -11.36 -15.61 -7.78
CA ASP A 266 -12.15 -16.01 -6.57
C ASP A 266 -12.36 -17.49 -6.44
N ALA A 267 -12.96 -18.01 -7.51
CA ALA A 267 -13.04 -19.43 -7.75
C ALA A 267 -11.70 -20.09 -7.40
N GLU A 268 -10.57 -19.66 -7.94
CA GLU A 268 -9.32 -20.43 -7.75
C GLU A 268 -8.84 -20.73 -6.32
N GLU A 269 -8.20 -21.89 -6.14
CA GLU A 269 -7.72 -22.29 -4.82
C GLU A 269 -6.21 -22.08 -4.69
N VAL A 270 -5.79 -21.01 -4.01
CA VAL A 270 -4.36 -20.66 -4.02
C VAL A 270 -3.79 -20.59 -2.62
N ASP A 271 -2.86 -21.51 -2.36
CA ASP A 271 -2.35 -21.66 -1.01
C ASP A 271 -1.25 -20.62 -1.03
N PHE A 272 -1.66 -19.39 -0.78
CA PHE A 272 -0.74 -18.32 -0.84
C PHE A 272 0.06 -18.40 0.44
N ALA A 273 -0.65 -18.53 1.54
CA ALA A 273 0.03 -18.71 2.84
C ALA A 273 1.26 -19.57 2.64
N GLY A 274 1.12 -20.69 1.94
CA GLY A 274 2.20 -21.70 1.90
C GLY A 274 3.31 -21.33 0.93
N TRP A 275 2.86 -20.84 -0.23
CA TRP A 275 3.70 -20.31 -1.29
C TRP A 275 4.68 -19.37 -0.67
N LEU A 276 4.14 -18.39 0.05
CA LEU A 276 4.91 -17.43 0.81
C LEU A 276 6.03 -18.02 1.71
N CYS A 277 5.66 -18.95 2.58
CA CYS A 277 6.63 -19.48 3.55
C CYS A 277 7.71 -20.24 2.82
N SER A 278 7.30 -21.08 1.87
CA SER A 278 8.21 -21.52 0.82
C SER A 278 9.15 -20.34 0.34
N THR A 279 8.59 -19.26 -0.23
CA THR A 279 9.41 -18.25 -0.97
C THR A 279 10.43 -17.43 -0.20
N ILE A 280 10.09 -17.07 1.04
CA ILE A 280 10.86 -16.12 1.86
C ILE A 280 11.36 -16.84 3.13
N GLY A 281 11.07 -18.14 3.19
CA GLY A 281 11.48 -19.00 4.31
C GLY A 281 10.81 -18.57 5.60
N LEU A 282 9.49 -18.80 5.70
CA LEU A 282 8.74 -18.59 6.93
C LEU A 282 8.34 -19.92 7.60
PG ACP B . 9.00 4.39 0.82
O1G ACP B . 9.86 4.71 2.03
O2G ACP B . 7.57 4.87 0.83
O3G ACP B . 9.72 4.75 -0.44
PB ACP B . 8.31 1.67 2.26
O1B ACP B . 6.80 1.89 2.28
O2B ACP B . 8.92 0.28 2.17
C3B ACP B . 8.95 2.57 0.79
PA ACP B . 7.97 2.11 4.94
O1A ACP B . 6.51 2.55 4.73
O2A ACP B . 8.72 2.65 6.11
O3A ACP B . 8.89 2.26 3.64
O5' ACP B . 8.12 0.56 5.12
C5' ACP B . 9.39 0.02 5.40
C4' ACP B . 9.29 -1.51 5.29
O4' ACP B . 9.09 -1.98 6.63
C3' ACP B . 8.08 -2.04 4.49
O3' ACP B . 8.29 -2.43 3.12
C2' ACP B . 7.74 -3.30 5.21
O2' ACP B . 8.57 -4.31 4.70
C1' ACP B . 8.10 -3.00 6.66
N9 ACP B . 6.80 -2.67 7.30
C8 ACP B . 6.08 -1.53 7.28
N7 ACP B . 4.90 -1.68 7.96
C5 ACP B . 4.87 -2.94 8.42
C6 ACP B . 3.94 -3.79 9.21
N6 ACP B . 2.78 -3.30 9.69
N1 ACP B . 4.28 -5.08 9.45
C2 ACP B . 5.46 -5.64 9.03
N3 ACP B . 6.36 -4.92 8.32
C4 ACP B . 6.11 -3.59 7.97
MG MG C . 5.22 2.79 3.10
C5 2P7 D . -0.09 5.00 8.01
C6 2P7 D . -1.42 4.89 7.60
C7 2P7 D . -2.19 3.76 7.92
C2 2P7 D . -1.66 2.70 8.65
C3 2P7 D . -0.35 2.81 9.05
C4 2P7 D . 0.42 3.92 8.75
N8 2P7 D . 0.70 6.08 7.71
C9 2P7 D . 0.38 7.21 6.97
C14 2P7 D . 1.18 7.75 5.92
C13 2P7 D . 0.80 8.88 5.23
C12 2P7 D . -0.39 9.51 5.59
C11 2P7 D . -1.19 9.02 6.62
C10 2P7 D . -0.78 7.86 7.30
C15 2P7 D . 2.47 7.07 5.51
N17 2P7 D . 2.93 7.08 4.19
O16 2P7 D . 3.01 6.50 6.47
C19 2P7 D . 3.54 7.08 2.24
C20 2P7 D . 2.35 7.70 3.00
O21 2P7 D . 3.03 6.12 1.28
I1 2P7 D . -2.83 0.98 9.19
C18 2P7 D . 4.12 6.49 3.53
F24 2P7 D . 1.69 3.92 9.19
F23 2P7 D . -1.48 7.33 8.31
F22 2P7 D . -2.34 9.68 6.94
#